data_1EE5
#
_entry.id   1EE5
#
_cell.length_a   157.560
_cell.length_b   63.700
_cell.length_c   62.150
_cell.angle_alpha   90.00
_cell.angle_beta   97.34
_cell.angle_gamma   90.00
#
_symmetry.space_group_name_H-M   'C 1 2 1'
#
loop_
_entity.id
_entity.type
_entity.pdbx_description
1 polymer 'KARYOPHERIN ALPHA'
2 polymer NUCLEOPLASMIN
3 water water
#
loop_
_entity_poly.entity_id
_entity_poly.type
_entity_poly.pdbx_seq_one_letter_code
_entity_poly.pdbx_strand_id
1 'polypeptide(L)'
;QELPQMTQQLNSDDMQEQLSATVKFRQILSREHRPPIDVVIQAGVVPRLVEFMRENQPEMLQLEAAWALTNIASGTSAQT
KVVVDADAVPLFIQLLYTGSVEVKEQAIWALGNVAGDSTDYRDYVLQCNAMEPILGLFNSNKPSLIRTATWTLSNLCRGK
KPQPDWSVVSQALPTLAKLIYSMDTETLVDACWAISYLSDGPQEAIQAVIDVRIPKRLVELLSHESTLVQTPALRAVGNI
VTGNDLQTQVVINAGVLPALRLLLSSPKENIKKEACWTISNITAGNTEQIQAVIDANLIPPLVKLLEVAEDKTKKEACWA
ISNASSGGLQRPDIIRYLVSQGCIKPLCDLLEIADNRIIEVTLDALENILKMGEADKEARGLNINENADFIEKAGGMEKI
FNCQQNENDKIYEKAYKIIETYFG
;
A
2 'polypeptide(L)' AVKRPAATKKAGQAKKKKL B
#
# COMPACT_ATOMS: atom_id res chain seq x y z
N PRO A 4 -34.62 28.94 7.89
CA PRO A 4 -35.94 28.76 7.25
C PRO A 4 -36.17 29.79 6.16
N GLN A 5 -35.37 30.85 6.16
CA GLN A 5 -35.46 31.90 5.14
C GLN A 5 -34.81 31.28 3.91
N MET A 6 -33.80 30.46 4.16
CA MET A 6 -33.08 29.77 3.10
C MET A 6 -33.95 28.62 2.61
N THR A 7 -34.32 27.72 3.53
CA THR A 7 -35.15 26.57 3.20
C THR A 7 -36.38 27.01 2.41
N GLN A 8 -36.87 28.21 2.69
CA GLN A 8 -38.03 28.75 2.01
C GLN A 8 -37.72 28.96 0.54
N GLN A 9 -36.58 29.60 0.26
CA GLN A 9 -36.16 29.86 -1.10
C GLN A 9 -35.74 28.60 -1.84
N LEU A 10 -35.46 27.53 -1.09
CA LEU A 10 -35.05 26.27 -1.69
C LEU A 10 -36.30 25.52 -2.17
N ASN A 11 -37.33 25.51 -1.33
CA ASN A 11 -38.59 24.85 -1.66
C ASN A 11 -39.51 25.78 -2.46
N SER A 12 -38.97 26.94 -2.84
CA SER A 12 -39.71 27.93 -3.61
C SER A 12 -39.78 27.51 -5.08
N ASP A 13 -40.68 28.16 -5.81
CA ASP A 13 -40.85 27.88 -7.24
C ASP A 13 -40.12 28.93 -8.06
N ASP A 14 -39.58 29.94 -7.36
CA ASP A 14 -38.83 31.01 -8.03
C ASP A 14 -37.47 30.45 -8.43
N MET A 15 -37.13 30.59 -9.72
CA MET A 15 -35.87 30.08 -10.25
C MET A 15 -34.62 30.76 -9.69
N GLN A 16 -34.66 32.07 -9.49
CA GLN A 16 -33.52 32.79 -8.97
C GLN A 16 -33.36 32.65 -7.45
N GLU A 17 -34.44 32.30 -6.76
CA GLU A 17 -34.41 32.14 -5.30
C GLU A 17 -33.84 30.78 -4.90
N GLN A 18 -34.17 29.74 -5.66
CA GLN A 18 -33.69 28.39 -5.37
C GLN A 18 -32.16 28.26 -5.55
N LEU A 19 -31.58 29.14 -6.35
CA LEU A 19 -30.14 29.12 -6.60
C LEU A 19 -29.40 29.86 -5.48
N SER A 20 -29.94 31.02 -5.08
CA SER A 20 -29.34 31.81 -4.02
C SER A 20 -29.32 31.01 -2.71
N ALA A 21 -30.35 30.18 -2.52
CA ALA A 21 -30.46 29.34 -1.32
C ALA A 21 -29.51 28.16 -1.38
N THR A 22 -29.28 27.63 -2.59
CA THR A 22 -28.36 26.51 -2.77
C THR A 22 -26.94 26.99 -2.48
N VAL A 23 -26.60 28.16 -3.01
CA VAL A 23 -25.27 28.74 -2.78
C VAL A 23 -25.01 28.85 -1.28
N LYS A 24 -26.04 29.22 -0.54
CA LYS A 24 -25.94 29.36 0.92
C LYS A 24 -25.59 28.04 1.62
N PHE A 25 -26.41 27.02 1.42
CA PHE A 25 -26.17 25.71 2.03
C PHE A 25 -24.79 25.15 1.67
N ARG A 26 -24.32 25.48 0.48
CA ARG A 26 -23.01 25.02 0.04
C ARG A 26 -21.94 25.59 0.96
N GLN A 27 -21.87 26.92 1.01
CA GLN A 27 -20.88 27.63 1.81
C GLN A 27 -20.86 27.30 3.29
N ILE A 28 -22.01 26.98 3.88
CA ILE A 28 -22.06 26.65 5.30
C ILE A 28 -21.41 25.29 5.56
N LEU A 29 -21.41 24.45 4.52
CA LEU A 29 -20.81 23.12 4.61
C LEU A 29 -19.39 23.09 4.04
N SER A 30 -18.96 24.24 3.50
CA SER A 30 -17.61 24.38 2.91
C SER A 30 -16.64 25.05 3.87
N ARG A 31 -17.07 25.19 5.13
CA ARG A 31 -16.25 25.83 6.16
C ARG A 31 -15.16 24.88 6.68
N GLU A 32 -13.96 25.43 6.86
CA GLU A 32 -12.82 24.65 7.35
C GLU A 32 -13.09 24.05 8.73
N HIS A 33 -13.71 24.84 9.61
CA HIS A 33 -14.05 24.39 10.96
C HIS A 33 -15.12 23.30 10.90
N ARG A 34 -15.71 22.99 12.05
CA ARG A 34 -16.75 21.97 12.14
C ARG A 34 -18.01 22.42 11.41
N PRO A 35 -18.32 21.78 10.27
CA PRO A 35 -19.48 22.06 9.42
C PRO A 35 -20.81 21.60 10.04
N PRO A 36 -21.83 22.46 10.01
CA PRO A 36 -23.17 22.19 10.56
C PRO A 36 -23.91 21.04 9.85
N ILE A 37 -23.15 20.03 9.42
CA ILE A 37 -23.70 18.87 8.70
C ILE A 37 -25.08 18.37 9.17
N ASP A 38 -25.29 18.29 10.48
CA ASP A 38 -26.56 17.80 11.03
C ASP A 38 -27.70 18.81 11.01
N VAL A 39 -27.37 20.10 11.08
CA VAL A 39 -28.38 21.16 11.08
C VAL A 39 -29.05 21.18 9.71
N VAL A 40 -28.25 20.99 8.67
CA VAL A 40 -28.73 20.97 7.30
C VAL A 40 -29.63 19.77 7.01
N ILE A 41 -29.22 18.60 7.51
CA ILE A 41 -30.04 17.40 7.31
C ILE A 41 -31.33 17.58 8.09
N GLN A 42 -31.23 18.24 9.24
CA GLN A 42 -32.39 18.49 10.09
C GLN A 42 -33.50 19.23 9.35
N ALA A 43 -33.11 20.11 8.41
CA ALA A 43 -34.07 20.88 7.63
C ALA A 43 -34.76 20.02 6.56
N GLY A 44 -34.26 18.81 6.38
CA GLY A 44 -34.81 17.88 5.39
C GLY A 44 -34.56 18.27 3.94
N VAL A 45 -33.58 19.15 3.72
CA VAL A 45 -33.26 19.65 2.39
C VAL A 45 -32.45 18.69 1.51
N VAL A 46 -32.34 17.43 1.90
CA VAL A 46 -31.57 16.48 1.11
C VAL A 46 -32.24 16.13 -0.22
N PRO A 47 -33.40 15.44 -0.20
CA PRO A 47 -34.09 15.06 -1.44
C PRO A 47 -34.42 16.24 -2.38
N ARG A 48 -34.41 17.45 -1.84
CA ARG A 48 -34.69 18.65 -2.62
C ARG A 48 -33.46 19.00 -3.45
N LEU A 49 -32.28 18.78 -2.87
CA LEU A 49 -31.02 19.03 -3.56
C LEU A 49 -30.72 17.88 -4.52
N VAL A 50 -31.30 16.72 -4.25
CA VAL A 50 -31.11 15.58 -5.12
C VAL A 50 -31.94 15.86 -6.38
N GLU A 51 -33.04 16.59 -6.17
CA GLU A 51 -33.96 16.96 -7.24
C GLU A 51 -33.36 18.00 -8.21
N PHE A 52 -32.36 18.75 -7.73
CA PHE A 52 -31.72 19.76 -8.58
C PHE A 52 -30.53 19.19 -9.36
N MET A 53 -30.42 17.87 -9.40
CA MET A 53 -29.35 17.21 -10.12
C MET A 53 -29.93 16.51 -11.34
N ARG A 54 -31.20 16.78 -11.62
CA ARG A 54 -31.87 16.17 -12.76
C ARG A 54 -31.79 17.00 -14.05
N GLU A 55 -31.57 16.28 -15.14
CA GLU A 55 -31.45 16.84 -16.50
C GLU A 55 -31.99 18.27 -16.66
N ASN A 56 -33.25 18.43 -16.32
CA ASN A 56 -33.96 19.71 -16.42
C ASN A 56 -33.53 20.88 -15.55
N GLN A 57 -32.42 20.75 -14.81
CA GLN A 57 -31.98 21.84 -13.95
C GLN A 57 -30.88 22.68 -14.61
N PRO A 58 -30.81 23.98 -14.29
CA PRO A 58 -29.79 24.87 -14.85
C PRO A 58 -28.39 24.39 -14.51
N GLU A 59 -27.40 24.68 -15.36
CA GLU A 59 -26.02 24.26 -15.12
C GLU A 59 -25.52 24.73 -13.75
N MET A 60 -25.89 25.95 -13.36
CA MET A 60 -25.44 26.52 -12.09
C MET A 60 -26.14 25.91 -10.88
N LEU A 61 -27.39 25.48 -11.04
CA LEU A 61 -28.11 24.90 -9.91
C LEU A 61 -27.68 23.47 -9.64
N GLN A 62 -27.13 22.82 -10.65
CA GLN A 62 -26.66 21.44 -10.49
C GLN A 62 -25.28 21.47 -9.84
N LEU A 63 -24.51 22.50 -10.20
CA LEU A 63 -23.15 22.69 -9.68
C LEU A 63 -23.15 22.88 -8.16
N GLU A 64 -24.01 23.77 -7.67
CA GLU A 64 -24.11 24.06 -6.25
C GLU A 64 -24.83 22.94 -5.49
N ALA A 65 -25.85 22.37 -6.11
CA ALA A 65 -26.60 21.28 -5.47
C ALA A 65 -25.70 20.09 -5.20
N ALA A 66 -24.91 19.70 -6.19
CA ALA A 66 -24.01 18.55 -6.08
C ALA A 66 -22.86 18.84 -5.11
N TRP A 67 -22.34 20.07 -5.15
CA TRP A 67 -21.24 20.50 -4.29
C TRP A 67 -21.64 20.29 -2.85
N ALA A 68 -22.82 20.83 -2.50
CA ALA A 68 -23.36 20.73 -1.16
C ALA A 68 -23.57 19.28 -0.75
N LEU A 69 -24.16 18.49 -1.63
CA LEU A 69 -24.41 17.08 -1.36
C LEU A 69 -23.13 16.27 -1.15
N THR A 70 -22.01 16.79 -1.64
CA THR A 70 -20.73 16.10 -1.50
C THR A 70 -20.20 16.20 -0.07
N ASN A 71 -20.32 17.39 0.51
CA ASN A 71 -19.83 17.62 1.86
C ASN A 71 -20.76 17.05 2.93
N ILE A 72 -21.81 16.36 2.50
CA ILE A 72 -22.75 15.75 3.43
C ILE A 72 -22.36 14.29 3.54
N ALA A 73 -21.82 13.76 2.43
CA ALA A 73 -21.39 12.37 2.37
C ALA A 73 -20.00 12.23 2.97
N SER A 74 -19.27 13.34 3.03
CA SER A 74 -17.92 13.38 3.58
C SER A 74 -17.94 13.41 5.11
N GLY A 75 -19.07 13.05 5.69
CA GLY A 75 -19.19 13.04 7.14
C GLY A 75 -19.27 11.62 7.65
N THR A 76 -19.76 11.46 8.88
CA THR A 76 -19.87 10.12 9.46
C THR A 76 -20.67 9.23 8.53
N SER A 77 -20.59 7.92 8.76
CA SER A 77 -21.32 6.94 7.96
C SER A 77 -22.82 7.23 7.92
N ALA A 78 -23.33 7.81 9.01
CA ALA A 78 -24.74 8.15 9.09
C ALA A 78 -25.10 9.28 8.14
N GLN A 79 -24.33 10.36 8.18
CA GLN A 79 -24.57 11.51 7.32
C GLN A 79 -24.43 11.12 5.84
N THR A 80 -23.65 10.08 5.58
CA THR A 80 -23.43 9.58 4.23
C THR A 80 -24.62 8.74 3.78
N LYS A 81 -25.19 7.97 4.71
CA LYS A 81 -26.35 7.12 4.41
C LYS A 81 -27.59 7.97 4.10
N VAL A 82 -27.62 9.19 4.60
CA VAL A 82 -28.74 10.09 4.35
C VAL A 82 -28.77 10.47 2.88
N VAL A 83 -27.59 10.65 2.30
CA VAL A 83 -27.48 11.01 0.89
C VAL A 83 -27.67 9.77 0.01
N VAL A 84 -27.13 8.64 0.44
CA VAL A 84 -27.25 7.40 -0.33
C VAL A 84 -28.68 6.93 -0.52
N ASP A 85 -29.48 7.00 0.54
CA ASP A 85 -30.87 6.55 0.44
C ASP A 85 -31.82 7.51 -0.26
N ALA A 86 -31.38 8.76 -0.42
CA ALA A 86 -32.17 9.77 -1.12
C ALA A 86 -31.94 9.52 -2.61
N ASP A 87 -31.60 8.28 -2.93
CA ASP A 87 -31.34 7.82 -4.29
C ASP A 87 -30.53 8.80 -5.13
N ALA A 88 -29.45 9.33 -4.55
CA ALA A 88 -28.61 10.30 -5.23
C ALA A 88 -27.50 9.67 -6.08
N VAL A 89 -27.13 8.44 -5.77
CA VAL A 89 -26.07 7.77 -6.52
C VAL A 89 -26.32 7.74 -8.02
N PRO A 90 -27.37 7.03 -8.46
CA PRO A 90 -27.64 6.97 -9.91
C PRO A 90 -27.75 8.34 -10.60
N LEU A 91 -28.11 9.38 -9.84
CA LEU A 91 -28.22 10.72 -10.41
C LEU A 91 -26.83 11.35 -10.51
N PHE A 92 -25.92 10.86 -9.68
CA PHE A 92 -24.55 11.34 -9.67
C PHE A 92 -23.86 10.79 -10.90
N ILE A 93 -24.09 9.51 -11.17
CA ILE A 93 -23.52 8.82 -12.32
C ILE A 93 -23.98 9.43 -13.64
N GLN A 94 -25.28 9.62 -13.79
CA GLN A 94 -25.81 10.21 -15.02
C GLN A 94 -25.19 11.59 -15.26
N LEU A 95 -24.98 12.34 -14.19
CA LEU A 95 -24.42 13.68 -14.29
C LEU A 95 -23.01 13.64 -14.88
N LEU A 96 -22.37 12.48 -14.81
CA LEU A 96 -21.02 12.31 -15.37
C LEU A 96 -21.16 12.20 -16.89
N TYR A 97 -22.34 11.75 -17.31
CA TYR A 97 -22.66 11.59 -18.72
C TYR A 97 -23.23 12.86 -19.35
N THR A 98 -24.01 13.61 -18.60
CA THR A 98 -24.66 14.80 -19.14
C THR A 98 -24.21 16.17 -18.66
N GLY A 99 -23.70 16.27 -17.43
CA GLY A 99 -23.27 17.57 -16.93
C GLY A 99 -22.05 18.15 -17.62
N SER A 100 -21.77 19.43 -17.39
CA SER A 100 -20.60 20.06 -18.00
C SER A 100 -19.40 19.70 -17.13
N VAL A 101 -18.22 20.21 -17.48
CA VAL A 101 -17.03 19.89 -16.72
C VAL A 101 -17.19 20.27 -15.25
N GLU A 102 -17.49 21.54 -14.98
CA GLU A 102 -17.68 22.02 -13.61
C GLU A 102 -18.62 21.11 -12.84
N VAL A 103 -19.68 20.67 -13.50
CA VAL A 103 -20.67 19.81 -12.87
C VAL A 103 -20.16 18.40 -12.61
N LYS A 104 -19.35 17.87 -13.53
CA LYS A 104 -18.81 16.53 -13.37
C LYS A 104 -17.86 16.48 -12.19
N GLU A 105 -17.13 17.56 -11.99
CA GLU A 105 -16.17 17.66 -10.89
C GLU A 105 -16.85 17.56 -9.53
N GLN A 106 -18.12 17.92 -9.48
CA GLN A 106 -18.87 17.86 -8.23
C GLN A 106 -19.40 16.45 -8.02
N ALA A 107 -19.98 15.87 -9.06
CA ALA A 107 -20.54 14.53 -8.98
C ALA A 107 -19.50 13.43 -8.80
N ILE A 108 -18.32 13.60 -9.39
CA ILE A 108 -17.28 12.59 -9.26
C ILE A 108 -16.77 12.56 -7.81
N TRP A 109 -16.55 13.75 -7.26
CA TRP A 109 -16.07 13.89 -5.88
C TRP A 109 -17.03 13.20 -4.92
N ALA A 110 -18.33 13.46 -5.10
CA ALA A 110 -19.35 12.88 -4.25
C ALA A 110 -19.36 11.36 -4.33
N LEU A 111 -19.05 10.83 -5.50
CA LEU A 111 -19.01 9.38 -5.65
C LEU A 111 -17.78 8.83 -4.92
N GLY A 112 -16.82 9.71 -4.68
CA GLY A 112 -15.63 9.30 -3.96
C GLY A 112 -15.98 9.05 -2.51
N ASN A 113 -16.60 10.04 -1.87
CA ASN A 113 -16.98 9.89 -0.46
C ASN A 113 -17.93 8.73 -0.25
N VAL A 114 -18.81 8.48 -1.20
CA VAL A 114 -19.77 7.39 -1.07
C VAL A 114 -19.13 6.02 -1.23
N ALA A 115 -18.12 5.92 -2.10
CA ALA A 115 -17.45 4.65 -2.33
C ALA A 115 -16.45 4.34 -1.21
N GLY A 116 -15.84 5.39 -0.66
CA GLY A 116 -14.85 5.21 0.39
C GLY A 116 -15.43 5.07 1.78
N ASP A 117 -16.76 4.97 1.87
CA ASP A 117 -17.41 4.85 3.17
C ASP A 117 -17.43 3.41 3.66
N SER A 118 -17.61 2.47 2.74
CA SER A 118 -17.66 1.07 3.13
C SER A 118 -17.64 0.13 1.94
N THR A 119 -17.29 -1.13 2.19
CA THR A 119 -17.24 -2.13 1.13
C THR A 119 -18.57 -2.29 0.42
N ASP A 120 -19.67 -1.99 1.10
CA ASP A 120 -20.98 -2.13 0.48
C ASP A 120 -21.40 -0.96 -0.38
N TYR A 121 -21.10 0.27 0.04
CA TYR A 121 -21.44 1.42 -0.78
C TYR A 121 -20.51 1.38 -2.01
N ARG A 122 -19.34 0.78 -1.83
CA ARG A 122 -18.38 0.63 -2.92
C ARG A 122 -19.00 -0.30 -3.94
N ASP A 123 -19.35 -1.51 -3.51
CA ASP A 123 -19.97 -2.48 -4.40
C ASP A 123 -21.23 -1.89 -5.05
N TYR A 124 -21.97 -1.10 -4.27
CA TYR A 124 -23.20 -0.45 -4.72
C TYR A 124 -22.94 0.49 -5.90
N VAL A 125 -21.99 1.41 -5.74
CA VAL A 125 -21.65 2.35 -6.79
C VAL A 125 -21.20 1.61 -8.05
N LEU A 126 -20.53 0.47 -7.87
CA LEU A 126 -20.06 -0.32 -9.00
C LEU A 126 -21.22 -1.06 -9.67
N GLN A 127 -22.16 -1.54 -8.87
CA GLN A 127 -23.33 -2.24 -9.41
C GLN A 127 -24.12 -1.26 -10.27
N CYS A 128 -24.02 0.03 -9.93
CA CYS A 128 -24.69 1.11 -10.64
C CYS A 128 -23.99 1.39 -11.98
N ASN A 129 -22.93 0.66 -12.26
CA ASN A 129 -22.19 0.79 -13.51
C ASN A 129 -21.50 2.15 -13.69
N ALA A 130 -20.90 2.67 -12.62
CA ALA A 130 -20.22 3.96 -12.67
C ALA A 130 -18.79 3.88 -13.23
N MET A 131 -18.26 2.67 -13.33
CA MET A 131 -16.90 2.49 -13.84
C MET A 131 -16.76 3.06 -15.25
N GLU A 132 -17.68 2.72 -16.15
CA GLU A 132 -17.64 3.20 -17.53
C GLU A 132 -17.53 4.72 -17.64
N PRO A 133 -18.51 5.46 -17.11
CA PRO A 133 -18.42 6.92 -17.21
C PRO A 133 -17.23 7.54 -16.47
N ILE A 134 -16.77 6.90 -15.41
CA ILE A 134 -15.64 7.42 -14.66
C ILE A 134 -14.36 7.31 -15.49
N LEU A 135 -14.16 6.16 -16.12
CA LEU A 135 -12.99 5.98 -16.97
C LEU A 135 -13.08 6.94 -18.16
N GLY A 136 -14.31 7.22 -18.60
CA GLY A 136 -14.50 8.12 -19.72
C GLY A 136 -14.08 9.54 -19.38
N LEU A 137 -14.04 9.86 -18.09
CA LEU A 137 -13.64 11.20 -17.66
C LEU A 137 -12.21 11.59 -18.00
N PHE A 138 -11.31 10.61 -18.01
CA PHE A 138 -9.91 10.90 -18.30
C PHE A 138 -9.61 11.34 -19.73
N ASN A 139 -10.66 11.56 -20.53
CA ASN A 139 -10.47 12.03 -21.89
C ASN A 139 -10.52 13.54 -21.80
N SER A 140 -10.41 14.04 -20.57
CA SER A 140 -10.40 15.46 -20.29
C SER A 140 -8.99 15.85 -19.91
N ASN A 141 -8.71 17.15 -20.01
CA ASN A 141 -7.39 17.66 -19.70
C ASN A 141 -7.36 18.50 -18.42
N LYS A 142 -8.51 18.65 -17.76
CA LYS A 142 -8.56 19.46 -16.54
C LYS A 142 -7.98 18.73 -15.34
N PRO A 143 -6.76 19.10 -14.92
CA PRO A 143 -6.08 18.48 -13.78
C PRO A 143 -6.94 18.28 -12.52
N SER A 144 -7.77 19.26 -12.20
CA SER A 144 -8.61 19.15 -11.02
C SER A 144 -9.62 18.02 -11.20
N LEU A 145 -10.09 17.84 -12.42
CA LEU A 145 -11.05 16.79 -12.72
C LEU A 145 -10.35 15.45 -12.68
N ILE A 146 -9.12 15.43 -13.21
CA ILE A 146 -8.33 14.21 -13.24
C ILE A 146 -7.99 13.75 -11.82
N ARG A 147 -7.61 14.70 -10.96
CA ARG A 147 -7.27 14.36 -9.57
C ARG A 147 -8.42 13.66 -8.84
N THR A 148 -9.58 14.29 -8.84
CA THR A 148 -10.73 13.72 -8.14
C THR A 148 -11.15 12.37 -8.73
N ALA A 149 -11.05 12.24 -10.05
CA ALA A 149 -11.41 10.98 -10.71
C ALA A 149 -10.46 9.86 -10.31
N THR A 150 -9.19 10.21 -10.13
CA THR A 150 -8.19 9.22 -9.75
C THR A 150 -8.44 8.79 -8.30
N TRP A 151 -8.79 9.75 -7.46
CA TRP A 151 -9.08 9.45 -6.07
C TRP A 151 -10.33 8.58 -5.95
N THR A 152 -11.39 8.94 -6.67
CA THR A 152 -12.61 8.15 -6.61
C THR A 152 -12.32 6.75 -7.15
N LEU A 153 -11.63 6.69 -8.27
CA LEU A 153 -11.25 5.43 -8.89
C LEU A 153 -10.48 4.63 -7.84
N SER A 154 -9.67 5.34 -7.07
CA SER A 154 -8.88 4.78 -5.99
C SER A 154 -9.81 4.02 -5.03
N ASN A 155 -10.83 4.72 -4.52
CA ASN A 155 -11.78 4.13 -3.58
C ASN A 155 -12.58 2.95 -4.12
N LEU A 156 -12.66 2.79 -5.44
CA LEU A 156 -13.41 1.67 -6.00
C LEU A 156 -12.56 0.38 -6.06
N CYS A 157 -11.25 0.52 -5.93
CA CYS A 157 -10.36 -0.64 -5.97
C CYS A 157 -9.98 -1.06 -4.55
N ARG A 158 -10.16 -0.13 -3.62
CA ARG A 158 -9.85 -0.30 -2.21
C ARG A 158 -10.68 -1.39 -1.53
N GLY A 159 -10.20 -1.86 -0.38
CA GLY A 159 -10.90 -2.88 0.37
C GLY A 159 -10.57 -4.30 -0.06
N LYS A 160 -9.89 -5.03 0.80
CA LYS A 160 -9.51 -6.40 0.48
C LYS A 160 -10.40 -7.43 1.17
N LYS A 161 -11.05 -7.07 2.27
CA LYS A 161 -11.92 -8.03 2.94
C LYS A 161 -12.95 -8.33 1.86
N PRO A 162 -14.10 -7.63 1.84
CA PRO A 162 -14.96 -8.03 0.73
C PRO A 162 -14.26 -7.47 -0.51
N GLN A 163 -13.53 -8.31 -1.24
CA GLN A 163 -12.81 -7.86 -2.43
C GLN A 163 -13.80 -7.48 -3.54
N PRO A 164 -13.59 -6.32 -4.19
CA PRO A 164 -14.46 -5.83 -5.27
C PRO A 164 -14.43 -6.78 -6.46
N ASP A 165 -15.40 -6.66 -7.35
CA ASP A 165 -15.45 -7.52 -8.53
C ASP A 165 -14.22 -7.28 -9.40
N TRP A 166 -13.42 -8.34 -9.61
CA TRP A 166 -12.22 -8.21 -10.41
C TRP A 166 -12.43 -8.02 -11.91
N SER A 167 -13.48 -8.64 -12.47
CA SER A 167 -13.74 -8.48 -13.89
C SER A 167 -14.20 -7.05 -14.16
N VAL A 168 -14.45 -6.31 -13.08
CA VAL A 168 -14.92 -4.94 -13.18
C VAL A 168 -13.82 -3.90 -12.90
N VAL A 169 -13.09 -4.07 -11.81
CA VAL A 169 -12.02 -3.12 -11.49
C VAL A 169 -10.74 -3.32 -12.30
N SER A 170 -10.55 -4.52 -12.85
CA SER A 170 -9.34 -4.74 -13.64
C SER A 170 -9.43 -3.94 -14.92
N GLN A 171 -10.62 -3.43 -15.21
CA GLN A 171 -10.86 -2.59 -16.39
C GLN A 171 -10.14 -1.25 -16.30
N ALA A 172 -9.80 -0.84 -15.07
CA ALA A 172 -9.13 0.44 -14.84
C ALA A 172 -7.64 0.42 -15.14
N LEU A 173 -7.03 -0.76 -15.10
CA LEU A 173 -5.60 -0.88 -15.34
C LEU A 173 -5.05 -0.07 -16.51
N PRO A 174 -5.68 -0.17 -17.70
CA PRO A 174 -5.19 0.59 -18.85
C PRO A 174 -5.11 2.08 -18.56
N THR A 175 -6.17 2.62 -17.98
CA THR A 175 -6.21 4.03 -17.62
C THR A 175 -5.11 4.33 -16.60
N LEU A 176 -5.04 3.52 -15.56
CA LEU A 176 -4.03 3.68 -14.52
C LEU A 176 -2.60 3.65 -15.05
N ALA A 177 -2.34 2.82 -16.05
CA ALA A 177 -1.01 2.71 -16.63
C ALA A 177 -0.59 4.01 -17.30
N LYS A 178 -1.56 4.77 -17.82
CA LYS A 178 -1.26 6.06 -18.45
C LYS A 178 -1.10 7.11 -17.35
N LEU A 179 -2.00 7.08 -16.37
CA LEU A 179 -1.98 8.04 -15.26
C LEU A 179 -0.66 8.19 -14.50
N ILE A 180 0.07 7.09 -14.28
CA ILE A 180 1.32 7.23 -13.55
C ILE A 180 2.41 7.97 -14.33
N TYR A 181 2.13 8.35 -15.56
CA TYR A 181 3.09 9.13 -16.34
C TYR A 181 2.75 10.62 -16.21
N SER A 182 1.83 10.91 -15.30
CA SER A 182 1.41 12.27 -15.03
C SER A 182 2.51 13.02 -14.27
N MET A 183 2.62 14.32 -14.54
CA MET A 183 3.60 15.17 -13.87
C MET A 183 3.00 15.72 -12.56
N ASP A 184 1.68 15.64 -12.41
CA ASP A 184 0.97 16.16 -11.23
C ASP A 184 1.06 15.29 -9.98
N THR A 185 1.76 15.80 -8.97
CA THR A 185 1.96 15.08 -7.71
C THR A 185 0.74 14.41 -7.09
N GLU A 186 -0.32 15.17 -6.84
CA GLU A 186 -1.51 14.60 -6.22
C GLU A 186 -2.09 13.46 -7.04
N THR A 187 -2.13 13.64 -8.36
CA THR A 187 -2.64 12.61 -9.27
C THR A 187 -1.79 11.34 -9.13
N LEU A 188 -0.48 11.54 -9.05
CA LEU A 188 0.47 10.45 -8.92
C LEU A 188 0.27 9.67 -7.63
N VAL A 189 -0.22 10.36 -6.58
CA VAL A 189 -0.45 9.73 -5.29
C VAL A 189 -1.63 8.77 -5.33
N ASP A 190 -2.76 9.22 -5.87
CA ASP A 190 -3.94 8.37 -5.94
C ASP A 190 -3.81 7.22 -6.97
N ALA A 191 -3.06 7.46 -8.03
CA ALA A 191 -2.85 6.44 -9.04
C ALA A 191 -2.08 5.29 -8.38
N CYS A 192 -1.07 5.65 -7.59
CA CYS A 192 -0.28 4.64 -6.88
C CYS A 192 -1.07 3.92 -5.80
N TRP A 193 -2.00 4.60 -5.13
CA TRP A 193 -2.79 3.91 -4.13
C TRP A 193 -3.65 2.88 -4.82
N ALA A 194 -4.33 3.30 -5.88
CA ALA A 194 -5.20 2.40 -6.63
C ALA A 194 -4.43 1.15 -7.07
N ILE A 195 -3.22 1.35 -7.57
CA ILE A 195 -2.42 0.23 -8.02
C ILE A 195 -1.98 -0.68 -6.87
N SER A 196 -1.74 -0.12 -5.67
CA SER A 196 -1.33 -0.96 -4.53
C SER A 196 -2.49 -1.85 -4.10
N TYR A 197 -3.71 -1.36 -4.24
CA TYR A 197 -4.92 -2.11 -3.89
C TYR A 197 -5.05 -3.29 -4.86
N LEU A 198 -5.00 -2.98 -6.17
CA LEU A 198 -5.11 -4.00 -7.22
C LEU A 198 -4.01 -5.04 -7.18
N SER A 199 -2.81 -4.64 -6.77
CA SER A 199 -1.68 -5.55 -6.69
C SER A 199 -1.76 -6.47 -5.48
N ASP A 200 -2.70 -6.18 -4.58
CA ASP A 200 -2.84 -6.96 -3.36
C ASP A 200 -3.55 -8.31 -3.55
N GLY A 201 -3.80 -8.70 -4.80
CA GLY A 201 -4.47 -9.96 -5.03
C GLY A 201 -3.52 -11.12 -5.33
N PRO A 202 -4.06 -12.21 -5.91
CA PRO A 202 -3.33 -13.44 -6.29
C PRO A 202 -2.35 -13.25 -7.43
N GLN A 203 -1.84 -14.35 -7.96
CA GLN A 203 -0.89 -14.31 -9.07
C GLN A 203 -1.49 -13.82 -10.39
N GLU A 204 -2.82 -13.86 -10.49
CA GLU A 204 -3.48 -13.40 -11.70
C GLU A 204 -3.46 -11.86 -11.75
N ALA A 205 -3.84 -11.25 -10.64
CA ALA A 205 -3.88 -9.79 -10.55
C ALA A 205 -2.49 -9.26 -10.83
N ILE A 206 -1.55 -9.66 -9.99
CA ILE A 206 -0.17 -9.26 -10.15
C ILE A 206 0.25 -9.32 -11.63
N GLN A 207 -0.10 -10.42 -12.29
CA GLN A 207 0.27 -10.59 -13.71
C GLN A 207 -0.44 -9.57 -14.60
N ALA A 208 -1.63 -9.14 -14.18
CA ALA A 208 -2.41 -8.15 -14.95
C ALA A 208 -1.74 -6.79 -14.83
N VAL A 209 -1.22 -6.48 -13.64
CA VAL A 209 -0.53 -5.22 -13.40
C VAL A 209 0.72 -5.21 -14.28
N ILE A 210 1.34 -6.38 -14.42
CA ILE A 210 2.56 -6.54 -15.21
C ILE A 210 2.28 -6.47 -16.70
N ASP A 211 1.15 -7.04 -17.13
CA ASP A 211 0.87 -7.02 -18.56
C ASP A 211 0.56 -5.63 -19.10
N VAL A 212 -0.05 -4.78 -18.28
CA VAL A 212 -0.39 -3.44 -18.75
C VAL A 212 0.84 -2.52 -18.67
N ARG A 213 1.99 -3.11 -18.32
CA ARG A 213 3.28 -2.41 -18.27
C ARG A 213 3.45 -1.31 -17.20
N ILE A 214 3.03 -1.58 -15.97
CA ILE A 214 3.16 -0.59 -14.90
C ILE A 214 4.48 -0.59 -14.13
N PRO A 215 5.08 -1.77 -13.90
CA PRO A 215 6.34 -1.88 -13.15
C PRO A 215 7.48 -0.89 -13.41
N LYS A 216 7.83 -0.66 -14.67
CA LYS A 216 8.92 0.25 -15.04
C LYS A 216 8.74 1.69 -14.51
N ARG A 217 7.57 2.28 -14.72
CA ARG A 217 7.30 3.63 -14.24
C ARG A 217 7.13 3.66 -12.71
N LEU A 218 6.54 2.60 -12.17
CA LEU A 218 6.31 2.48 -10.74
C LEU A 218 7.64 2.50 -9.96
N VAL A 219 8.67 1.94 -10.58
CA VAL A 219 10.00 1.91 -9.97
C VAL A 219 10.62 3.31 -10.02
N GLU A 220 10.34 4.05 -11.09
CA GLU A 220 10.84 5.42 -11.21
C GLU A 220 10.26 6.23 -10.06
N LEU A 221 8.97 5.99 -9.79
CA LEU A 221 8.27 6.71 -8.74
C LEU A 221 8.77 6.42 -7.34
N LEU A 222 9.63 5.42 -7.18
CA LEU A 222 10.20 5.13 -5.87
C LEU A 222 11.17 6.24 -5.47
N SER A 223 11.76 6.90 -6.46
CA SER A 223 12.70 7.97 -6.17
C SER A 223 12.06 9.33 -6.41
N HIS A 224 10.73 9.36 -6.48
CA HIS A 224 10.02 10.61 -6.69
C HIS A 224 10.33 11.54 -5.51
N GLU A 225 10.20 12.83 -5.77
CA GLU A 225 10.48 13.86 -4.77
C GLU A 225 9.69 13.75 -3.47
N SER A 226 8.37 13.58 -3.58
CA SER A 226 7.51 13.48 -2.40
C SER A 226 7.32 12.09 -1.82
N THR A 227 7.33 12.02 -0.50
CA THR A 227 7.16 10.75 0.21
C THR A 227 5.69 10.34 0.21
N LEU A 228 4.82 11.20 -0.29
CA LEU A 228 3.38 10.89 -0.36
C LEU A 228 3.20 9.96 -1.57
N VAL A 229 4.16 10.04 -2.48
CA VAL A 229 4.14 9.21 -3.69
C VAL A 229 4.87 7.90 -3.39
N GLN A 230 6.04 8.01 -2.76
CA GLN A 230 6.86 6.85 -2.41
C GLN A 230 6.18 5.77 -1.60
N THR A 231 5.38 6.17 -0.60
CA THR A 231 4.72 5.19 0.25
C THR A 231 3.83 4.20 -0.48
N PRO A 232 2.85 4.68 -1.26
CA PRO A 232 1.96 3.76 -1.99
C PRO A 232 2.68 3.05 -3.16
N ALA A 233 3.69 3.70 -3.73
CA ALA A 233 4.45 3.11 -4.83
C ALA A 233 5.27 1.95 -4.28
N LEU A 234 5.85 2.16 -3.11
CA LEU A 234 6.66 1.13 -2.47
C LEU A 234 5.77 -0.04 -2.11
N ARG A 235 4.60 0.25 -1.53
CA ARG A 235 3.71 -0.83 -1.18
C ARG A 235 3.35 -1.63 -2.43
N ALA A 236 3.01 -0.94 -3.52
CA ALA A 236 2.65 -1.59 -4.77
C ALA A 236 3.78 -2.46 -5.31
N VAL A 237 4.99 -1.92 -5.36
CA VAL A 237 6.12 -2.69 -5.84
C VAL A 237 6.33 -3.86 -4.88
N GLY A 238 5.99 -3.64 -3.63
CA GLY A 238 6.13 -4.67 -2.62
C GLY A 238 5.18 -5.82 -2.89
N ASN A 239 3.91 -5.51 -3.15
CA ASN A 239 2.95 -6.57 -3.43
C ASN A 239 3.36 -7.37 -4.67
N ILE A 240 3.90 -6.71 -5.69
CA ILE A 240 4.29 -7.43 -6.89
C ILE A 240 5.33 -8.51 -6.64
N VAL A 241 6.27 -8.27 -5.72
CA VAL A 241 7.29 -9.27 -5.45
C VAL A 241 6.82 -10.36 -4.49
N THR A 242 5.52 -10.38 -4.19
CA THR A 242 4.99 -11.44 -3.34
C THR A 242 4.62 -12.54 -4.35
N GLY A 243 4.77 -12.21 -5.63
CA GLY A 243 4.47 -13.15 -6.71
C GLY A 243 5.55 -14.20 -6.91
N ASN A 244 5.53 -14.90 -8.04
CA ASN A 244 6.54 -15.93 -8.28
C ASN A 244 7.85 -15.34 -8.77
N ASP A 245 8.81 -16.20 -9.09
CA ASP A 245 10.13 -15.77 -9.56
C ASP A 245 10.16 -14.99 -10.86
N LEU A 246 9.34 -15.37 -11.82
CA LEU A 246 9.30 -14.68 -13.09
C LEU A 246 8.75 -13.28 -12.89
N GLN A 247 7.69 -13.16 -12.10
CA GLN A 247 7.08 -11.86 -11.85
C GLN A 247 8.07 -10.96 -11.12
N THR A 248 8.75 -11.51 -10.11
CA THR A 248 9.73 -10.76 -9.34
C THR A 248 10.85 -10.27 -10.25
N GLN A 249 11.27 -11.09 -11.21
CA GLN A 249 12.34 -10.70 -12.13
C GLN A 249 12.00 -9.47 -12.96
N VAL A 250 10.73 -9.33 -13.29
CA VAL A 250 10.31 -8.16 -14.05
C VAL A 250 10.65 -6.89 -13.28
N VAL A 251 10.32 -6.86 -11.99
CA VAL A 251 10.61 -5.69 -11.17
C VAL A 251 12.11 -5.48 -11.05
N ILE A 252 12.86 -6.57 -10.97
CA ILE A 252 14.32 -6.46 -10.89
C ILE A 252 14.85 -5.81 -12.19
N ASN A 253 14.37 -6.28 -13.35
CA ASN A 253 14.84 -5.72 -14.61
C ASN A 253 14.46 -4.25 -14.81
N ALA A 254 13.51 -3.75 -14.02
CA ALA A 254 13.08 -2.36 -14.14
C ALA A 254 13.97 -1.49 -13.27
N GLY A 255 14.98 -2.11 -12.66
CA GLY A 255 15.92 -1.39 -11.82
C GLY A 255 15.49 -1.10 -10.39
N VAL A 256 14.60 -1.92 -9.85
CA VAL A 256 14.10 -1.73 -8.49
C VAL A 256 15.17 -1.77 -7.40
N LEU A 257 16.23 -2.55 -7.60
CA LEU A 257 17.27 -2.70 -6.57
C LEU A 257 18.03 -1.41 -6.23
N PRO A 258 18.54 -0.68 -7.24
CA PRO A 258 19.25 0.56 -6.92
C PRO A 258 18.26 1.49 -6.20
N ALA A 259 17.00 1.47 -6.64
CA ALA A 259 16.00 2.32 -6.00
C ALA A 259 15.83 1.94 -4.54
N LEU A 260 15.85 0.64 -4.22
CA LEU A 260 15.69 0.19 -2.84
C LEU A 260 16.87 0.59 -1.97
N ARG A 261 18.04 0.73 -2.58
CA ARG A 261 19.22 1.12 -1.83
C ARG A 261 19.02 2.53 -1.34
N LEU A 262 18.45 3.37 -2.19
CA LEU A 262 18.19 4.76 -1.80
C LEU A 262 17.17 4.80 -0.68
N LEU A 263 16.11 3.99 -0.79
CA LEU A 263 15.05 3.97 0.22
C LEU A 263 15.49 3.47 1.58
N LEU A 264 16.58 2.72 1.63
CA LEU A 264 17.06 2.22 2.91
C LEU A 264 17.66 3.34 3.79
N SER A 265 17.91 4.51 3.18
CA SER A 265 18.45 5.67 3.90
C SER A 265 17.39 6.76 4.01
N SER A 266 16.13 6.39 3.87
CA SER A 266 15.04 7.34 3.94
C SER A 266 14.80 7.93 5.34
N PRO A 267 14.67 9.27 5.43
CA PRO A 267 14.41 9.89 6.73
C PRO A 267 13.16 9.31 7.39
N LYS A 268 12.24 8.79 6.58
CA LYS A 268 11.01 8.18 7.14
C LYS A 268 11.32 6.76 7.58
N GLU A 269 10.88 6.41 8.78
CA GLU A 269 11.15 5.09 9.33
C GLU A 269 10.29 4.00 8.71
N ASN A 270 9.04 4.31 8.38
CA ASN A 270 8.17 3.29 7.82
C ASN A 270 8.53 2.94 6.36
N ILE A 271 9.24 3.84 5.69
CA ILE A 271 9.67 3.57 4.33
C ILE A 271 10.83 2.57 4.35
N LYS A 272 11.71 2.70 5.35
CA LYS A 272 12.85 1.78 5.49
C LYS A 272 12.29 0.39 5.79
N LYS A 273 11.28 0.35 6.63
CA LYS A 273 10.66 -0.92 7.02
C LYS A 273 10.08 -1.64 5.82
N GLU A 274 9.31 -0.92 5.00
CA GLU A 274 8.69 -1.52 3.84
C GLU A 274 9.72 -1.84 2.76
N ALA A 275 10.85 -1.13 2.76
CA ALA A 275 11.91 -1.41 1.81
C ALA A 275 12.62 -2.71 2.24
N CYS A 276 12.72 -2.95 3.56
CA CYS A 276 13.33 -4.17 4.06
C CYS A 276 12.38 -5.33 3.72
N TRP A 277 11.09 -5.11 3.96
CA TRP A 277 10.07 -6.10 3.65
C TRP A 277 10.18 -6.50 2.18
N THR A 278 10.20 -5.50 1.30
CA THR A 278 10.28 -5.72 -0.14
C THR A 278 11.50 -6.53 -0.53
N ILE A 279 12.65 -6.22 0.07
CA ILE A 279 13.87 -6.93 -0.23
C ILE A 279 13.82 -8.38 0.25
N SER A 280 13.17 -8.62 1.39
CA SER A 280 13.07 -9.97 1.93
C SER A 280 12.31 -10.88 0.97
N ASN A 281 11.29 -10.33 0.29
CA ASN A 281 10.56 -11.15 -0.67
C ASN A 281 11.38 -11.36 -1.94
N ILE A 282 12.45 -10.59 -2.10
CA ILE A 282 13.30 -10.78 -3.26
C ILE A 282 14.36 -11.81 -2.89
N THR A 283 14.79 -11.83 -1.62
CA THR A 283 15.81 -12.81 -1.22
C THR A 283 15.17 -14.18 -0.98
N ALA A 284 13.86 -14.25 -1.10
CA ALA A 284 13.14 -15.51 -0.94
C ALA A 284 13.10 -16.12 -2.35
N GLY A 285 13.75 -15.45 -3.29
CA GLY A 285 13.75 -15.93 -4.67
C GLY A 285 14.84 -16.94 -4.99
N ASN A 286 15.29 -16.97 -6.24
CA ASN A 286 16.31 -17.90 -6.67
C ASN A 286 17.72 -17.35 -6.49
N THR A 287 18.70 -18.21 -6.72
CA THR A 287 20.11 -17.85 -6.58
C THR A 287 20.49 -16.53 -7.25
N GLU A 288 20.13 -16.40 -8.53
CA GLU A 288 20.44 -15.21 -9.31
C GLU A 288 19.88 -13.92 -8.71
N GLN A 289 18.67 -14.01 -8.17
CA GLN A 289 18.03 -12.84 -7.55
C GLN A 289 18.71 -12.48 -6.22
N ILE A 290 19.10 -13.48 -5.43
CA ILE A 290 19.79 -13.19 -4.18
C ILE A 290 21.13 -12.57 -4.55
N GLN A 291 21.77 -13.14 -5.57
CA GLN A 291 23.05 -12.63 -6.06
C GLN A 291 22.89 -11.18 -6.54
N ALA A 292 21.74 -10.86 -7.14
CA ALA A 292 21.49 -9.51 -7.63
C ALA A 292 21.37 -8.54 -6.46
N VAL A 293 20.70 -8.99 -5.39
CA VAL A 293 20.57 -8.14 -4.20
C VAL A 293 21.96 -7.83 -3.67
N ILE A 294 22.81 -8.85 -3.63
CA ILE A 294 24.17 -8.66 -3.16
C ILE A 294 24.92 -7.65 -4.04
N ASP A 295 24.87 -7.83 -5.36
CA ASP A 295 25.53 -6.91 -6.28
C ASP A 295 25.03 -5.45 -6.12
N ALA A 296 23.74 -5.29 -5.87
CA ALA A 296 23.17 -3.96 -5.71
C ALA A 296 23.69 -3.27 -4.45
N ASN A 297 24.49 -4.00 -3.68
CA ASN A 297 25.08 -3.46 -2.46
C ASN A 297 24.07 -3.23 -1.34
N LEU A 298 23.04 -4.06 -1.29
CA LEU A 298 22.00 -3.94 -0.28
C LEU A 298 22.30 -4.51 1.11
N ILE A 299 23.28 -5.40 1.23
CA ILE A 299 23.56 -6.01 2.53
C ILE A 299 24.16 -5.10 3.59
N PRO A 300 25.17 -4.29 3.22
CA PRO A 300 25.76 -3.40 4.25
C PRO A 300 24.72 -2.53 4.97
N PRO A 301 23.87 -1.79 4.24
CA PRO A 301 22.87 -0.96 4.90
C PRO A 301 21.75 -1.76 5.56
N LEU A 302 21.61 -3.01 5.15
CA LEU A 302 20.59 -3.87 5.69
C LEU A 302 21.11 -4.44 7.02
N VAL A 303 22.42 -4.64 7.09
CA VAL A 303 23.05 -5.15 8.30
C VAL A 303 23.03 -4.08 9.41
N LYS A 304 23.30 -2.83 9.04
CA LYS A 304 23.28 -1.74 10.01
C LYS A 304 21.87 -1.62 10.61
N LEU A 305 20.85 -1.67 9.77
CA LEU A 305 19.48 -1.59 10.23
C LEU A 305 19.13 -2.71 11.21
N LEU A 306 19.76 -3.87 11.03
CA LEU A 306 19.49 -5.02 11.89
C LEU A 306 19.99 -4.77 13.31
N GLU A 307 20.96 -3.88 13.45
CA GLU A 307 21.52 -3.58 14.77
C GLU A 307 21.02 -2.30 15.41
N VAL A 308 20.79 -1.26 14.62
CA VAL A 308 20.35 0.02 15.17
C VAL A 308 19.05 0.58 14.56
N ALA A 309 17.91 -0.04 14.85
CA ALA A 309 16.67 0.46 14.29
C ALA A 309 15.45 0.00 15.07
N GLU A 310 14.31 0.62 14.80
CA GLU A 310 13.07 0.26 15.46
C GLU A 310 12.81 -1.23 15.29
N ASP A 311 12.48 -1.90 16.39
CA ASP A 311 12.22 -3.34 16.37
C ASP A 311 11.39 -3.84 15.19
N LYS A 312 10.47 -3.02 14.70
CA LYS A 312 9.65 -3.44 13.55
C LYS A 312 10.50 -3.52 12.29
N THR A 313 11.49 -2.64 12.16
CA THR A 313 12.38 -2.64 11.00
C THR A 313 13.38 -3.79 11.14
N LYS A 314 13.95 -3.94 12.33
CA LYS A 314 14.92 -5.02 12.59
C LYS A 314 14.36 -6.37 12.19
N LYS A 315 13.08 -6.57 12.47
CA LYS A 315 12.45 -7.84 12.13
C LYS A 315 12.47 -8.06 10.62
N GLU A 316 12.04 -7.04 9.89
CA GLU A 316 12.00 -7.09 8.45
C GLU A 316 13.41 -7.35 7.89
N ALA A 317 14.40 -6.69 8.46
CA ALA A 317 15.77 -6.87 8.03
C ALA A 317 16.22 -8.30 8.28
N CYS A 318 15.77 -8.86 9.40
CA CYS A 318 16.11 -10.22 9.77
C CYS A 318 15.61 -11.20 8.72
N TRP A 319 14.37 -11.04 8.28
CA TRP A 319 13.82 -11.92 7.24
C TRP A 319 14.67 -11.87 5.98
N ALA A 320 14.99 -10.64 5.55
CA ALA A 320 15.78 -10.42 4.35
C ALA A 320 17.11 -11.16 4.40
N ILE A 321 17.84 -11.04 5.50
CA ILE A 321 19.13 -11.72 5.62
C ILE A 321 18.99 -13.21 5.84
N SER A 322 17.99 -13.60 6.62
CA SER A 322 17.72 -15.00 6.87
C SER A 322 17.37 -15.70 5.56
N ASN A 323 16.47 -15.09 4.78
CA ASN A 323 16.07 -15.66 3.48
C ASN A 323 17.25 -15.86 2.55
N ALA A 324 18.16 -14.89 2.55
CA ALA A 324 19.32 -14.95 1.68
C ALA A 324 20.25 -16.08 2.08
N SER A 325 20.39 -16.29 3.39
CA SER A 325 21.26 -17.34 3.90
C SER A 325 20.81 -18.73 3.44
N SER A 326 19.53 -18.90 3.14
CA SER A 326 19.08 -20.21 2.69
C SER A 326 19.63 -20.49 1.28
N GLY A 327 20.13 -19.43 0.63
CA GLY A 327 20.69 -19.58 -0.71
C GLY A 327 22.08 -20.18 -0.76
N GLY A 328 22.75 -20.26 0.39
CA GLY A 328 24.10 -20.80 0.46
C GLY A 328 24.30 -22.23 -0.02
N LEU A 329 23.24 -23.04 0.01
CA LEU A 329 23.35 -24.42 -0.45
C LEU A 329 23.68 -24.54 -1.93
N GLN A 330 23.11 -23.66 -2.75
CA GLN A 330 23.39 -23.68 -4.19
C GLN A 330 24.59 -22.81 -4.55
N ARG A 331 24.90 -21.83 -3.69
CA ARG A 331 26.03 -20.93 -3.91
C ARG A 331 26.62 -20.45 -2.58
N PRO A 332 27.57 -21.23 -2.03
CA PRO A 332 28.24 -20.93 -0.77
C PRO A 332 28.80 -19.52 -0.55
N ASP A 333 29.29 -18.86 -1.59
CA ASP A 333 29.82 -17.50 -1.40
C ASP A 333 28.75 -16.57 -0.84
N ILE A 334 27.49 -16.88 -1.09
CA ILE A 334 26.40 -16.06 -0.58
C ILE A 334 26.52 -15.91 0.94
N ILE A 335 26.66 -17.04 1.63
CA ILE A 335 26.80 -17.03 3.09
C ILE A 335 28.14 -16.45 3.53
N ARG A 336 29.21 -16.82 2.84
CA ARG A 336 30.52 -16.28 3.20
C ARG A 336 30.49 -14.75 3.08
N TYR A 337 29.72 -14.26 2.12
CA TYR A 337 29.61 -12.83 1.91
C TYR A 337 28.85 -12.18 3.08
N LEU A 338 27.71 -12.75 3.45
CA LEU A 338 26.92 -12.20 4.55
C LEU A 338 27.78 -12.12 5.83
N VAL A 339 28.53 -13.18 6.09
CA VAL A 339 29.38 -13.24 7.25
C VAL A 339 30.48 -12.17 7.23
N SER A 340 31.11 -11.97 6.08
CA SER A 340 32.18 -10.98 5.98
C SER A 340 31.63 -9.57 6.17
N GLN A 341 30.32 -9.43 6.07
CA GLN A 341 29.68 -8.13 6.24
C GLN A 341 29.20 -7.92 7.67
N GLY A 342 29.49 -8.88 8.53
CA GLY A 342 29.12 -8.78 9.94
C GLY A 342 27.67 -8.99 10.30
N CYS A 343 27.03 -9.99 9.72
CA CYS A 343 25.63 -10.25 10.04
C CYS A 343 25.47 -11.06 11.33
N ILE A 344 26.48 -11.85 11.69
CA ILE A 344 26.41 -12.69 12.87
C ILE A 344 26.12 -12.02 14.23
N LYS A 345 26.82 -10.92 14.52
CA LYS A 345 26.60 -10.20 15.77
C LYS A 345 25.19 -9.61 15.85
N PRO A 346 24.76 -8.86 14.82
CA PRO A 346 23.41 -8.27 14.84
C PRO A 346 22.32 -9.34 14.90
N LEU A 347 22.64 -10.50 14.36
CA LEU A 347 21.71 -11.62 14.32
C LEU A 347 21.54 -12.20 15.72
N CYS A 348 22.65 -12.42 16.42
CA CYS A 348 22.61 -12.96 17.78
C CYS A 348 21.88 -12.00 18.70
N ASP A 349 22.29 -10.73 18.65
CA ASP A 349 21.69 -9.69 19.48
C ASP A 349 20.18 -9.62 19.36
N LEU A 350 19.62 -10.27 18.35
CA LEU A 350 18.18 -10.27 18.15
C LEU A 350 17.54 -11.54 18.74
N LEU A 351 18.34 -12.42 19.33
CA LEU A 351 17.80 -13.64 19.92
C LEU A 351 17.01 -13.39 21.20
N GLU A 352 17.30 -12.30 21.89
CA GLU A 352 16.60 -11.96 23.12
C GLU A 352 15.41 -11.03 22.89
N ILE A 353 14.76 -11.18 21.75
CA ILE A 353 13.61 -10.32 21.42
C ILE A 353 12.33 -11.04 21.84
N ALA A 354 11.24 -10.29 21.92
CA ALA A 354 9.95 -10.82 22.34
C ALA A 354 9.22 -11.74 21.36
N ASP A 355 9.33 -11.45 20.07
CA ASP A 355 8.65 -12.26 19.05
C ASP A 355 9.26 -13.66 18.96
N ASN A 356 8.42 -14.69 18.93
CA ASN A 356 8.89 -16.06 18.83
C ASN A 356 9.17 -16.49 17.40
N ARG A 357 8.45 -15.90 16.45
CA ARG A 357 8.65 -16.26 15.05
C ARG A 357 9.95 -15.65 14.52
N ILE A 358 10.31 -14.46 15.02
CA ILE A 358 11.55 -13.82 14.59
C ILE A 358 12.71 -14.65 15.13
N ILE A 359 12.59 -15.09 16.38
CA ILE A 359 13.61 -15.91 17.01
C ILE A 359 13.79 -17.19 16.19
N GLU A 360 12.68 -17.72 15.70
CA GLU A 360 12.72 -18.94 14.89
C GLU A 360 13.43 -18.67 13.57
N VAL A 361 13.20 -17.50 13.00
CA VAL A 361 13.82 -17.14 11.72
C VAL A 361 15.28 -16.79 11.92
N THR A 362 15.60 -16.17 13.05
CA THR A 362 16.98 -15.83 13.36
C THR A 362 17.79 -17.10 13.52
N LEU A 363 17.28 -18.04 14.30
CA LEU A 363 17.96 -19.31 14.52
C LEU A 363 18.20 -20.09 13.22
N ASP A 364 17.30 -19.96 12.25
CA ASP A 364 17.48 -20.67 10.98
C ASP A 364 18.68 -20.09 10.26
N ALA A 365 18.82 -18.77 10.31
CA ALA A 365 19.95 -18.10 9.67
C ALA A 365 21.25 -18.57 10.30
N LEU A 366 21.29 -18.55 11.63
CA LEU A 366 22.49 -18.96 12.34
C LEU A 366 22.87 -20.40 12.02
N GLU A 367 21.88 -21.28 11.90
CA GLU A 367 22.19 -22.66 11.58
C GLU A 367 22.80 -22.76 10.19
N ASN A 368 22.22 -22.06 9.21
CA ASN A 368 22.76 -22.08 7.85
C ASN A 368 24.21 -21.61 7.87
N ILE A 369 24.48 -20.59 8.69
CA ILE A 369 25.83 -20.05 8.83
C ILE A 369 26.72 -21.09 9.50
N LEU A 370 26.22 -21.76 10.54
CA LEU A 370 27.01 -22.82 11.20
C LEU A 370 27.30 -23.96 10.20
N LYS A 371 26.30 -24.32 9.40
CA LYS A 371 26.46 -25.42 8.44
C LYS A 371 27.54 -25.15 7.41
N MET A 372 27.51 -23.95 6.83
CA MET A 372 28.49 -23.59 5.83
C MET A 372 29.85 -23.60 6.52
N GLY A 373 29.88 -23.11 7.76
CA GLY A 373 31.11 -23.09 8.54
C GLY A 373 31.70 -24.48 8.71
N GLU A 374 30.82 -25.48 8.83
CA GLU A 374 31.27 -26.86 9.00
C GLU A 374 31.73 -27.46 7.68
N ALA A 375 31.03 -27.18 6.58
CA ALA A 375 31.44 -27.70 5.29
C ALA A 375 32.81 -27.16 4.91
N ASP A 376 33.04 -25.88 5.18
CA ASP A 376 34.32 -25.26 4.88
C ASP A 376 35.43 -25.87 5.72
N LYS A 377 35.13 -26.18 6.98
CA LYS A 377 36.11 -26.78 7.88
C LYS A 377 36.63 -28.08 7.29
N GLU A 378 35.72 -28.92 6.82
CA GLU A 378 36.06 -30.20 6.24
C GLU A 378 36.67 -30.09 4.84
N ALA A 379 36.12 -29.20 4.02
CA ALA A 379 36.61 -29.02 2.66
C ALA A 379 38.06 -28.55 2.68
N ARG A 380 38.34 -27.59 3.55
CA ARG A 380 39.69 -27.07 3.70
C ARG A 380 40.39 -27.91 4.79
N GLY A 381 41.56 -27.48 5.24
CA GLY A 381 42.23 -28.26 6.28
C GLY A 381 42.09 -27.65 7.65
N LEU A 382 40.91 -27.11 7.96
CA LEU A 382 40.67 -26.44 9.23
C LEU A 382 40.33 -27.37 10.40
N ASN A 383 40.71 -26.93 11.59
CA ASN A 383 40.47 -27.68 12.81
C ASN A 383 39.26 -27.15 13.59
N ILE A 384 38.78 -25.96 13.20
CA ILE A 384 37.66 -25.35 13.89
C ILE A 384 36.61 -24.77 12.94
N ASN A 385 35.35 -24.79 13.38
CA ASN A 385 34.26 -24.22 12.62
C ASN A 385 34.33 -22.73 12.91
N GLU A 386 34.91 -21.98 11.98
CA GLU A 386 35.08 -20.54 12.17
C GLU A 386 33.84 -19.72 12.45
N ASN A 387 32.69 -20.13 11.93
CA ASN A 387 31.49 -19.34 12.19
C ASN A 387 30.96 -19.61 13.59
N ALA A 388 31.40 -20.71 14.19
CA ALA A 388 31.00 -21.05 15.56
C ALA A 388 31.75 -20.10 16.49
N ASP A 389 33.04 -19.90 16.21
CA ASP A 389 33.85 -18.98 17.01
C ASP A 389 33.31 -17.57 16.93
N PHE A 390 32.95 -17.12 15.73
CA PHE A 390 32.42 -15.77 15.57
C PHE A 390 31.20 -15.62 16.46
N ILE A 391 30.32 -16.63 16.42
CA ILE A 391 29.11 -16.61 17.23
C ILE A 391 29.42 -16.60 18.73
N GLU A 392 30.38 -17.41 19.17
CA GLU A 392 30.73 -17.43 20.58
C GLU A 392 31.25 -16.07 21.02
N LYS A 393 32.20 -15.53 20.28
CA LYS A 393 32.80 -14.24 20.60
C LYS A 393 31.82 -13.07 20.58
N ALA A 394 30.68 -13.28 19.92
CA ALA A 394 29.66 -12.23 19.86
C ALA A 394 28.63 -12.45 20.96
N GLY A 395 28.93 -13.36 21.88
CA GLY A 395 28.03 -13.65 22.97
C GLY A 395 26.78 -14.38 22.49
N GLY A 396 26.82 -14.82 21.25
CA GLY A 396 25.67 -15.51 20.68
C GLY A 396 25.43 -16.93 21.15
N MET A 397 26.46 -17.62 21.63
CA MET A 397 26.29 -18.99 22.08
C MET A 397 25.52 -19.07 23.39
N GLU A 398 25.64 -18.04 24.21
CA GLU A 398 24.95 -18.01 25.50
C GLU A 398 23.45 -17.83 25.26
N LYS A 399 23.10 -17.04 24.25
CA LYS A 399 21.69 -16.79 23.93
C LYS A 399 21.01 -17.99 23.27
N ILE A 400 21.71 -18.67 22.37
CA ILE A 400 21.13 -19.85 21.72
C ILE A 400 20.90 -20.89 22.82
N PHE A 401 21.69 -20.80 23.87
CA PHE A 401 21.60 -21.71 25.00
C PHE A 401 20.35 -21.44 25.83
N ASN A 402 20.04 -20.16 26.05
CA ASN A 402 18.85 -19.81 26.83
C ASN A 402 17.57 -20.19 26.10
N CYS A 403 17.59 -20.06 24.78
CA CYS A 403 16.43 -20.41 23.96
C CYS A 403 15.98 -21.84 24.19
N GLN A 404 16.85 -22.67 24.76
CA GLN A 404 16.49 -24.06 25.03
C GLN A 404 15.39 -24.15 26.07
N GLN A 405 15.16 -23.04 26.75
CA GLN A 405 14.15 -22.97 27.79
C GLN A 405 13.01 -22.04 27.42
N ASN A 406 12.62 -22.10 26.15
CA ASN A 406 11.53 -21.28 25.64
C ASN A 406 10.37 -22.27 25.53
N GLU A 407 9.19 -21.87 25.97
CA GLU A 407 8.05 -22.78 25.91
C GLU A 407 7.70 -23.26 24.51
N ASN A 408 8.00 -22.45 23.48
CA ASN A 408 7.69 -22.86 22.12
C ASN A 408 8.47 -24.16 21.86
N ASP A 409 7.88 -25.08 21.12
CA ASP A 409 8.53 -26.35 20.82
C ASP A 409 9.62 -26.23 19.76
N LYS A 410 9.22 -25.77 18.57
CA LYS A 410 10.13 -25.60 17.45
C LYS A 410 11.42 -24.87 17.85
N ILE A 411 11.29 -23.86 18.70
CA ILE A 411 12.43 -23.09 19.17
C ILE A 411 13.43 -23.92 19.99
N TYR A 412 12.95 -24.51 21.08
CA TYR A 412 13.80 -25.33 21.93
C TYR A 412 14.44 -26.46 21.15
N GLU A 413 13.65 -27.16 20.34
CA GLU A 413 14.15 -28.28 19.56
C GLU A 413 15.25 -27.87 18.59
N LYS A 414 15.16 -26.66 18.07
CA LYS A 414 16.16 -26.15 17.13
C LYS A 414 17.37 -25.60 17.88
N ALA A 415 17.10 -24.86 18.95
CA ALA A 415 18.18 -24.29 19.76
C ALA A 415 18.98 -25.42 20.38
N TYR A 416 18.34 -26.58 20.50
CA TYR A 416 18.96 -27.77 21.08
C TYR A 416 19.86 -28.45 20.04
N LYS A 417 19.37 -28.55 18.81
CA LYS A 417 20.12 -29.18 17.74
C LYS A 417 21.43 -28.42 17.52
N ILE A 418 21.34 -27.10 17.51
CA ILE A 418 22.50 -26.24 17.31
C ILE A 418 23.57 -26.46 18.39
N ILE A 419 23.17 -26.31 19.66
CA ILE A 419 24.09 -26.48 20.78
C ILE A 419 24.80 -27.83 20.76
N GLU A 420 24.03 -28.90 20.61
CA GLU A 420 24.59 -30.25 20.57
C GLU A 420 25.43 -30.52 19.32
N THR A 421 25.03 -29.94 18.20
CA THR A 421 25.74 -30.16 16.94
C THR A 421 26.96 -29.28 16.69
N TYR A 422 26.96 -28.06 17.22
CA TYR A 422 28.09 -27.16 16.98
C TYR A 422 28.81 -26.66 18.22
N PHE A 423 28.22 -26.82 19.40
CA PHE A 423 28.87 -26.36 20.62
C PHE A 423 28.96 -27.43 21.71
N GLY A 424 29.11 -28.69 21.32
CA GLY A 424 29.22 -29.77 22.29
C GLY A 424 30.36 -29.62 23.30
N ALA B 1 12.55 -20.10 -0.17
CA ALA B 1 12.20 -19.73 1.21
C ALA B 1 10.72 -19.40 1.32
N VAL B 2 10.39 -18.32 2.02
CA VAL B 2 8.98 -17.93 2.20
C VAL B 2 8.63 -16.48 1.85
N LYS B 3 7.75 -16.31 0.85
CA LYS B 3 7.32 -14.97 0.43
C LYS B 3 6.15 -14.60 1.33
N ARG B 4 6.31 -13.48 2.03
CA ARG B 4 5.31 -13.03 2.99
C ARG B 4 4.44 -11.87 2.56
N PRO B 5 3.12 -12.05 2.59
CA PRO B 5 2.23 -10.94 2.22
C PRO B 5 2.35 -9.95 3.34
N ALA B 6 1.95 -8.69 3.14
CA ALA B 6 2.03 -7.72 4.23
C ALA B 6 1.00 -8.00 5.34
N ALA B 7 1.37 -7.72 6.59
CA ALA B 7 0.48 -7.95 7.71
C ALA B 7 -0.25 -6.67 8.06
N THR B 8 0.39 -5.54 7.81
CA THR B 8 -0.19 -4.24 8.11
C THR B 8 -0.83 -3.71 6.83
N LYS B 9 -2.05 -3.21 6.94
CA LYS B 9 -2.74 -2.73 5.78
C LYS B 9 -2.46 -1.24 5.53
N LYS B 10 -2.58 -0.80 4.29
CA LYS B 10 -2.35 0.59 3.95
C LYS B 10 -3.34 1.10 2.91
N ALA B 11 -3.64 2.39 2.98
CA ALA B 11 -4.58 3.03 2.07
C ALA B 11 -4.54 4.53 2.29
N GLY B 12 -5.11 5.29 1.37
CA GLY B 12 -5.13 6.74 1.50
C GLY B 12 -6.35 7.18 2.29
N GLN B 13 -6.72 8.46 2.18
CA GLN B 13 -7.89 8.97 2.92
C GLN B 13 -9.17 8.39 2.35
N ALA B 14 -10.03 7.91 3.24
CA ALA B 14 -11.29 7.31 2.85
C ALA B 14 -12.23 8.39 2.29
N LYS B 15 -12.20 9.58 2.90
CA LYS B 15 -13.07 10.66 2.46
C LYS B 15 -12.41 12.03 2.40
N LYS B 16 -13.00 12.94 1.65
CA LYS B 16 -12.43 14.27 1.46
C LYS B 16 -13.53 15.32 1.35
N LYS B 17 -13.29 16.48 1.94
CA LYS B 17 -14.22 17.60 1.94
C LYS B 17 -13.82 18.55 0.82
N LYS B 18 -14.79 19.00 0.02
CA LYS B 18 -14.48 19.94 -1.05
C LYS B 18 -14.63 21.36 -0.54
N LEU B 19 -13.69 22.21 -0.92
CA LEU B 19 -13.69 23.61 -0.50
C LEU B 19 -13.75 24.56 -1.70
#